data_3TQA
#
_entry.id   3TQA
#
_cell.length_a   49.419
_cell.length_b   37.026
_cell.length_c   52.989
_cell.angle_alpha   90.00
_cell.angle_beta   108.02
_cell.angle_gamma   90.00
#
_symmetry.space_group_name_H-M   'P 1 21 1'
#
loop_
_entity.id
_entity.type
_entity.pdbx_description
1 polymer 'Dihydrofolate reductase'
2 non-polymer 'NADPH DIHYDRO-NICOTINAMIDE-ADENINE-DINUCLEOTIDE PHOSPHATE'
#
_entity_poly.entity_id   1
_entity_poly.type   'polypeptide(L)'
_entity_poly.pdbx_seq_one_letter_code
;MIITLIAAMDKNRLIGRNNELPWHLPADLAHFKSITLGKPIVMGRRTFDSIGKPLPHRRNIVITQQKNLIIEGCDIFYSL
DDALSALTKEPEVIIIGGARIFKEALPKADKMILTIINHSFEGDVYFPEWNDKEWKITSQIKHERDEKNPYPFQFLELRR
LENLYFQGHHHHHHHHHH
;
_entity_poly.pdbx_strand_id   A
#
# COMPACT_ATOMS: atom_id res chain seq x y z
N MET A 1 -14.27 6.05 -9.83
CA MET A 1 -13.11 5.92 -8.91
C MET A 1 -12.39 4.60 -9.14
N ILE A 2 -11.06 4.66 -9.23
CA ILE A 2 -10.22 3.47 -9.35
C ILE A 2 -9.51 3.23 -8.01
N ILE A 3 -9.85 2.13 -7.36
CA ILE A 3 -9.20 1.74 -6.11
C ILE A 3 -7.95 0.94 -6.41
N THR A 4 -6.79 1.46 -5.99
CA THR A 4 -5.50 0.83 -6.25
C THR A 4 -4.81 0.46 -4.95
N LEU A 5 -4.26 -0.75 -4.90
CA LEU A 5 -3.48 -1.21 -3.76
C LEU A 5 -2.00 -1.20 -4.14
N ILE A 6 -1.20 -0.46 -3.39
CA ILE A 6 0.24 -0.41 -3.60
C ILE A 6 0.96 -0.96 -2.36
N ALA A 7 1.84 -1.93 -2.58
CA ALA A 7 2.54 -2.58 -1.48
C ALA A 7 3.82 -3.26 -1.96
N ALA A 8 4.84 -3.25 -1.10
CA ALA A 8 6.07 -3.99 -1.33
C ALA A 8 6.06 -5.26 -0.48
N MET A 9 6.29 -6.40 -1.12
CA MET A 9 6.30 -7.68 -0.42
C MET A 9 7.42 -8.58 -0.93
N ASP A 10 7.68 -9.68 -0.20
CA ASP A 10 8.68 -10.67 -0.61
C ASP A 10 7.99 -11.83 -1.34
N LYS A 11 8.71 -12.92 -1.56
CA LYS A 11 8.17 -14.06 -2.29
C LYS A 11 7.00 -14.77 -1.59
N ASN A 12 6.92 -14.62 -0.26
CA ASN A 12 5.82 -15.19 0.53
C ASN A 12 4.78 -14.15 0.98
N ARG A 13 4.77 -13.00 0.30
CA ARG A 13 3.84 -11.89 0.59
C ARG A 13 4.02 -11.24 1.97
N LEU A 14 5.22 -11.35 2.55
CA LEU A 14 5.52 -10.70 3.83
C LEU A 14 5.67 -9.20 3.60
N ILE A 15 5.11 -8.40 4.51
CA ILE A 15 5.16 -6.94 4.37
C ILE A 15 5.77 -6.19 5.56
N GLY A 16 5.72 -6.77 6.76
CA GLY A 16 6.21 -6.07 7.96
C GLY A 16 6.75 -6.94 9.09
N ARG A 17 7.37 -6.29 10.07
CA ARG A 17 7.99 -6.96 11.20
C ARG A 17 8.17 -5.96 12.35
N ASN A 18 7.49 -6.20 13.47
CA ASN A 18 7.51 -5.29 14.63
C ASN A 18 7.16 -3.85 14.23
N ASN A 19 6.10 -3.72 13.43
CA ASN A 19 5.62 -2.43 12.92
C ASN A 19 6.66 -1.66 12.07
N GLU A 20 7.56 -2.39 11.43
CA GLU A 20 8.60 -1.80 10.56
C GLU A 20 8.75 -2.61 9.28
N LEU A 21 9.54 -2.10 8.34
CA LEU A 21 9.88 -2.84 7.12
C LEU A 21 11.03 -3.80 7.41
N PRO A 22 10.97 -5.03 6.88
CA PRO A 22 12.09 -5.97 7.05
C PRO A 22 13.27 -5.76 6.09
N TRP A 23 13.19 -4.75 5.23
CA TRP A 23 14.23 -4.47 4.25
C TRP A 23 14.36 -2.97 3.98
N HIS A 24 15.32 -2.60 3.14
CA HIS A 24 15.42 -1.25 2.59
C HIS A 24 15.78 -1.36 1.11
N LEU A 25 14.86 -0.94 0.25
CA LEU A 25 15.02 -1.06 -1.19
C LEU A 25 14.77 0.31 -1.84
N PRO A 26 15.84 1.12 -1.98
CA PRO A 26 15.75 2.49 -2.52
C PRO A 26 14.96 2.60 -3.82
N ALA A 27 15.09 1.61 -4.71
CA ALA A 27 14.37 1.61 -5.98
C ALA A 27 12.86 1.58 -5.78
N ASP A 28 12.40 0.87 -4.76
CA ASP A 28 10.97 0.80 -4.44
C ASP A 28 10.43 2.12 -3.90
N LEU A 29 11.25 2.82 -3.11
CA LEU A 29 10.85 4.09 -2.50
C LEU A 29 10.63 5.18 -3.55
N ALA A 30 11.50 5.22 -4.56
CA ALA A 30 11.36 6.15 -5.67
C ALA A 30 10.15 5.80 -6.53
N HIS A 31 9.98 4.50 -6.80
CA HIS A 31 8.81 3.99 -7.52
C HIS A 31 7.51 4.35 -6.80
N PHE A 32 7.48 4.11 -5.49
CA PHE A 32 6.33 4.44 -4.65
C PHE A 32 6.02 5.94 -4.69
N LYS A 33 7.06 6.77 -4.60
CA LYS A 33 6.87 8.23 -4.56
C LYS A 33 6.26 8.78 -5.85
N SER A 34 6.77 8.34 -6.99
CA SER A 34 6.26 8.79 -8.30
C SER A 34 4.83 8.34 -8.56
N ILE A 35 4.51 7.11 -8.14
CA ILE A 35 3.17 6.55 -8.30
C ILE A 35 2.12 7.25 -7.45
N THR A 36 2.51 7.72 -6.27
CA THR A 36 1.56 8.27 -5.30
C THR A 36 1.43 9.79 -5.32
N LEU A 37 2.36 10.49 -5.98
CA LEU A 37 2.36 11.96 -6.00
C LEU A 37 1.06 12.55 -6.55
N GLY A 38 0.44 13.43 -5.77
CA GLY A 38 -0.76 14.14 -6.17
C GLY A 38 -2.06 13.35 -6.04
N LYS A 39 -2.01 12.20 -5.37
CA LYS A 39 -3.19 11.37 -5.16
C LYS A 39 -3.52 11.21 -3.68
N PRO A 40 -4.78 10.86 -3.37
CA PRO A 40 -5.12 10.55 -1.99
C PRO A 40 -4.55 9.19 -1.59
N ILE A 41 -3.90 9.13 -0.42
CA ILE A 41 -3.33 7.88 0.08
C ILE A 41 -4.06 7.47 1.36
N VAL A 42 -4.64 6.27 1.34
CA VAL A 42 -5.41 5.74 2.46
C VAL A 42 -4.57 4.72 3.22
N MET A 43 -4.40 4.93 4.52
CA MET A 43 -3.60 4.04 5.36
C MET A 43 -4.29 3.74 6.68
N GLY A 44 -3.88 2.64 7.31
CA GLY A 44 -4.30 2.32 8.68
C GLY A 44 -3.51 3.13 9.68
N ARG A 45 -4.01 3.22 10.90
CA ARG A 45 -3.40 4.04 11.94
C ARG A 45 -1.98 3.57 12.29
N ARG A 46 -1.78 2.25 12.35
CA ARG A 46 -0.45 1.69 12.62
C ARG A 46 0.54 2.02 11.51
N THR A 47 0.07 1.99 10.26
CA THR A 47 0.93 2.32 9.12
C THR A 47 1.37 3.79 9.15
N PHE A 48 0.49 4.68 9.61
CA PHE A 48 0.86 6.08 9.79
C PHE A 48 1.97 6.22 10.83
N ASP A 49 1.80 5.57 11.98
CA ASP A 49 2.79 5.59 13.06
C ASP A 49 4.14 5.05 12.57
N SER A 50 4.10 4.04 11.70
CA SER A 50 5.30 3.47 11.10
C SER A 50 6.07 4.50 10.29
N ILE A 51 5.35 5.33 9.53
CA ILE A 51 5.95 6.40 8.75
C ILE A 51 6.40 7.54 9.67
N GLY A 52 5.56 7.90 10.64
CA GLY A 52 5.90 8.89 11.64
C GLY A 52 5.33 10.29 11.40
N LYS A 53 5.05 10.60 10.14
CA LYS A 53 4.52 11.91 9.76
C LYS A 53 3.80 11.82 8.40
N PRO A 54 2.99 12.84 8.06
CA PRO A 54 2.29 12.81 6.77
C PRO A 54 3.24 12.81 5.59
N LEU A 55 2.94 12.01 4.57
CA LEU A 55 3.71 12.02 3.33
C LEU A 55 3.44 13.33 2.59
N PRO A 56 4.50 14.09 2.28
CA PRO A 56 4.31 15.41 1.68
C PRO A 56 3.72 15.36 0.26
N HIS A 57 3.06 16.45 -0.13
CA HIS A 57 2.49 16.60 -1.48
C HIS A 57 1.36 15.60 -1.78
N ARG A 58 0.73 15.09 -0.74
CA ARG A 58 -0.32 14.08 -0.87
C ARG A 58 -1.37 14.25 0.23
N ARG A 59 -2.63 14.01 -0.12
CA ARG A 59 -3.71 14.01 0.87
C ARG A 59 -3.65 12.71 1.68
N ASN A 60 -3.05 12.80 2.86
CA ASN A 60 -2.94 11.64 3.75
C ASN A 60 -4.26 11.35 4.44
N ILE A 61 -4.75 10.12 4.30
CA ILE A 61 -6.00 9.69 4.91
C ILE A 61 -5.73 8.50 5.83
N VAL A 62 -6.12 8.63 7.10
CA VAL A 62 -5.85 7.61 8.11
C VAL A 62 -7.16 7.00 8.60
N ILE A 63 -7.24 5.67 8.59
CA ILE A 63 -8.40 4.95 9.08
C ILE A 63 -8.15 4.49 10.51
N THR A 64 -9.08 4.81 11.41
CA THR A 64 -8.97 4.45 12.82
C THR A 64 -10.36 4.33 13.44
N GLN A 65 -10.44 3.62 14.56
CA GLN A 65 -11.69 3.53 15.33
C GLN A 65 -11.67 4.47 16.55
N GLN A 66 -10.52 5.05 16.85
CA GLN A 66 -10.39 6.01 17.95
C GLN A 66 -11.06 7.32 17.55
N LYS A 67 -12.13 7.68 18.26
CA LYS A 67 -13.00 8.79 17.86
C LYS A 67 -12.44 10.17 18.22
N ASN A 68 -11.66 10.25 19.29
CA ASN A 68 -11.04 11.51 19.72
C ASN A 68 -9.59 11.68 19.23
N LEU A 69 -9.16 10.81 18.31
CA LEU A 69 -7.78 10.85 17.81
C LEU A 69 -7.59 11.94 16.77
N ILE A 70 -6.68 12.87 17.07
CA ILE A 70 -6.33 13.96 16.16
C ILE A 70 -4.94 13.70 15.57
N ILE A 71 -4.81 13.88 14.27
CA ILE A 71 -3.54 13.73 13.58
C ILE A 71 -3.34 14.90 12.62
N GLU A 72 -2.44 15.81 12.97
CA GLU A 72 -2.15 16.99 12.14
C GLU A 72 -1.66 16.60 10.75
N GLY A 73 -2.23 17.24 9.73
CA GLY A 73 -1.83 17.00 8.33
C GLY A 73 -2.46 15.76 7.70
N CYS A 74 -3.47 15.18 8.37
CA CYS A 74 -4.15 13.99 7.87
C CYS A 74 -5.66 14.09 8.08
N ASP A 75 -6.41 13.46 7.19
CA ASP A 75 -7.85 13.35 7.33
C ASP A 75 -8.21 12.02 7.99
N ILE A 76 -9.01 12.07 9.05
CA ILE A 76 -9.40 10.87 9.79
C ILE A 76 -10.77 10.39 9.34
N PHE A 77 -10.88 9.09 9.06
CA PHE A 77 -12.17 8.44 8.80
C PHE A 77 -12.28 7.19 9.67
N TYR A 78 -13.50 6.90 10.11
CA TYR A 78 -13.73 5.83 11.08
C TYR A 78 -14.03 4.46 10.43
N SER A 79 -14.03 4.43 9.10
CA SER A 79 -14.07 3.17 8.35
C SER A 79 -13.53 3.41 6.95
N LEU A 80 -13.22 2.32 6.24
CA LEU A 80 -12.75 2.42 4.86
C LEU A 80 -13.88 2.92 3.95
N ASP A 81 -15.09 2.42 4.18
CA ASP A 81 -16.27 2.83 3.40
C ASP A 81 -16.51 4.34 3.49
N ASP A 82 -16.40 4.91 4.68
CA ASP A 82 -16.54 6.34 4.88
C ASP A 82 -15.49 7.14 4.11
N ALA A 83 -14.25 6.64 4.11
CA ALA A 83 -13.15 7.28 3.38
C ALA A 83 -13.42 7.26 1.88
N LEU A 84 -13.71 6.07 1.35
CA LEU A 84 -14.01 5.90 -0.08
C LEU A 84 -15.24 6.70 -0.50
N SER A 85 -16.24 6.76 0.39
CA SER A 85 -17.44 7.57 0.16
C SER A 85 -17.11 9.06 0.04
N ALA A 86 -16.16 9.52 0.85
CA ALA A 86 -15.71 10.92 0.83
C ALA A 86 -14.89 11.24 -0.41
N LEU A 87 -14.24 10.23 -0.98
CA LEU A 87 -13.37 10.39 -2.15
C LEU A 87 -14.04 9.93 -3.45
N THR A 88 -15.36 10.05 -3.52
CA THR A 88 -16.13 9.57 -4.68
C THR A 88 -15.74 10.29 -5.97
N LYS A 89 -15.56 11.60 -5.91
CA LYS A 89 -15.20 12.39 -7.10
C LYS A 89 -13.77 12.17 -7.57
N GLU A 90 -12.90 11.66 -6.70
CA GLU A 90 -11.51 11.38 -7.07
C GLU A 90 -11.46 10.29 -8.15
N PRO A 91 -10.61 10.49 -9.18
CA PRO A 91 -10.47 9.49 -10.24
C PRO A 91 -9.72 8.25 -9.78
N GLU A 92 -8.82 8.40 -8.81
CA GLU A 92 -8.04 7.28 -8.29
C GLU A 92 -7.78 7.43 -6.80
N VAL A 93 -7.87 6.31 -6.07
CA VAL A 93 -7.57 6.27 -4.64
C VAL A 93 -6.54 5.16 -4.41
N ILE A 94 -5.48 5.50 -3.68
CA ILE A 94 -4.37 4.57 -3.46
C ILE A 94 -4.39 4.07 -2.01
N ILE A 95 -4.53 2.75 -1.85
CA ILE A 95 -4.50 2.11 -0.54
C ILE A 95 -3.07 1.62 -0.29
N ILE A 96 -2.44 2.07 0.78
CA ILE A 96 -1.04 1.74 1.05
C ILE A 96 -0.82 0.79 2.21
N GLY A 97 -1.90 0.32 2.84
CA GLY A 97 -1.78 -0.67 3.91
C GLY A 97 -2.41 -0.20 5.21
N GLY A 98 -2.28 -0.98 6.29
CA GLY A 98 -1.48 -2.21 6.34
C GLY A 98 -2.27 -3.47 6.01
N ALA A 99 -1.93 -4.55 6.71
CA ALA A 99 -2.50 -5.88 6.45
C ALA A 99 -4.03 -5.91 6.57
N ARG A 100 -4.56 -5.28 7.62
CA ARG A 100 -6.01 -5.23 7.83
C ARG A 100 -6.72 -4.39 6.77
N ILE A 101 -6.11 -3.25 6.40
CA ILE A 101 -6.69 -2.39 5.37
C ILE A 101 -6.65 -3.06 4.00
N PHE A 102 -5.53 -3.71 3.68
CA PHE A 102 -5.39 -4.44 2.42
C PHE A 102 -6.45 -5.53 2.27
N LYS A 103 -6.67 -6.30 3.34
CA LYS A 103 -7.64 -7.39 3.34
C LYS A 103 -9.07 -6.89 3.09
N GLU A 104 -9.42 -5.76 3.69
CA GLU A 104 -10.73 -5.16 3.50
C GLU A 104 -10.87 -4.49 2.14
N ALA A 105 -9.78 -3.91 1.63
CA ALA A 105 -9.78 -3.23 0.34
C ALA A 105 -9.72 -4.20 -0.85
N LEU A 106 -9.08 -5.34 -0.66
CA LEU A 106 -8.84 -6.32 -1.74
C LEU A 106 -10.09 -6.66 -2.57
N PRO A 107 -11.22 -6.97 -1.91
CA PRO A 107 -12.43 -7.29 -2.69
C PRO A 107 -13.00 -6.11 -3.50
N LYS A 108 -12.61 -4.88 -3.14
CA LYS A 108 -13.04 -3.68 -3.86
C LYS A 108 -11.96 -3.11 -4.77
N ALA A 109 -10.81 -3.76 -4.83
CA ALA A 109 -9.66 -3.25 -5.58
C ALA A 109 -9.83 -3.43 -7.09
N ASP A 110 -9.56 -2.36 -7.84
CA ASP A 110 -9.54 -2.40 -9.31
C ASP A 110 -8.14 -2.75 -9.82
N LYS A 111 -7.13 -2.22 -9.15
CA LYS A 111 -5.75 -2.29 -9.62
C LYS A 111 -4.80 -2.64 -8.47
N MET A 112 -3.69 -3.28 -8.79
CA MET A 112 -2.62 -3.55 -7.82
C MET A 112 -1.25 -3.24 -8.43
N ILE A 113 -0.48 -2.42 -7.73
CA ILE A 113 0.91 -2.13 -8.11
C ILE A 113 1.81 -2.72 -7.03
N LEU A 114 2.30 -3.94 -7.29
CA LEU A 114 3.04 -4.70 -6.28
C LEU A 114 4.52 -4.79 -6.62
N THR A 115 5.35 -4.57 -5.60
CA THR A 115 6.78 -4.83 -5.68
C THR A 115 7.05 -6.16 -4.99
N ILE A 116 7.47 -7.16 -5.76
CA ILE A 116 7.74 -8.50 -5.21
C ILE A 116 9.24 -8.76 -5.19
N ILE A 117 9.77 -8.95 -3.99
CA ILE A 117 11.21 -9.17 -3.81
C ILE A 117 11.52 -10.65 -3.87
N ASN A 118 12.54 -11.02 -4.65
CA ASN A 118 12.97 -12.41 -4.78
C ASN A 118 13.87 -12.81 -3.61
N HIS A 119 13.27 -12.92 -2.43
CA HIS A 119 13.98 -13.25 -1.20
C HIS A 119 12.98 -13.65 -0.12
N SER A 120 13.45 -14.35 0.92
CA SER A 120 12.60 -14.76 2.02
C SER A 120 13.06 -14.13 3.34
N PHE A 121 12.26 -13.21 3.86
CA PHE A 121 12.59 -12.50 5.10
C PHE A 121 11.82 -13.04 6.30
N GLU A 122 12.22 -12.61 7.50
CA GLU A 122 11.50 -12.92 8.72
C GLU A 122 10.48 -11.81 8.99
N GLY A 123 9.30 -12.18 9.46
CA GLY A 123 8.24 -11.20 9.73
C GLY A 123 6.99 -11.79 10.36
N ASP A 124 6.01 -10.92 10.63
CA ASP A 124 4.77 -11.32 11.30
C ASP A 124 3.47 -10.95 10.55
N VAL A 125 3.52 -9.92 9.70
CA VAL A 125 2.34 -9.48 8.95
C VAL A 125 2.53 -9.66 7.45
N TYR A 126 1.44 -10.03 6.77
CA TYR A 126 1.49 -10.38 5.34
C TYR A 126 0.44 -9.64 4.52
N PHE A 127 0.72 -9.50 3.22
CA PHE A 127 -0.26 -9.01 2.25
C PHE A 127 -1.24 -10.14 1.97
N PRO A 128 -2.55 -9.86 1.91
CA PRO A 128 -3.54 -10.93 1.74
C PRO A 128 -3.41 -11.67 0.40
N GLU A 129 -3.75 -12.96 0.41
CA GLU A 129 -3.69 -13.79 -0.79
C GLU A 129 -4.80 -13.38 -1.75
N TRP A 130 -4.45 -13.15 -3.01
CA TRP A 130 -5.42 -12.81 -4.05
C TRP A 130 -5.62 -13.99 -5.00
N ASN A 131 -6.82 -14.09 -5.56
CA ASN A 131 -7.13 -15.10 -6.56
C ASN A 131 -6.55 -14.70 -7.91
N ASP A 132 -5.58 -15.49 -8.41
CA ASP A 132 -4.90 -15.17 -9.67
C ASP A 132 -5.82 -15.26 -10.91
N LYS A 133 -6.99 -15.89 -10.77
CA LYS A 133 -7.94 -15.99 -11.86
C LYS A 133 -8.69 -14.67 -12.10
N GLU A 134 -8.81 -13.85 -11.07
CA GLU A 134 -9.56 -12.59 -11.14
C GLU A 134 -8.71 -11.40 -11.61
N TRP A 135 -7.39 -11.57 -11.62
CA TRP A 135 -6.45 -10.51 -11.98
C TRP A 135 -5.63 -10.87 -13.22
N LYS A 136 -5.30 -9.86 -14.02
CA LYS A 136 -4.45 -10.03 -15.21
C LYS A 136 -3.25 -9.08 -15.15
N ILE A 137 -2.11 -9.54 -15.65
CA ILE A 137 -0.87 -8.76 -15.61
C ILE A 137 -0.87 -7.73 -16.75
N THR A 138 -0.77 -6.46 -16.38
CA THR A 138 -0.69 -5.36 -17.36
C THR A 138 0.74 -4.87 -17.58
N SER A 139 1.61 -5.06 -16.58
CA SER A 139 3.02 -4.68 -16.69
C SER A 139 3.88 -5.46 -15.71
N GLN A 140 5.05 -5.91 -16.18
CA GLN A 140 5.99 -6.67 -15.37
C GLN A 140 7.43 -6.30 -15.73
N ILE A 141 8.09 -5.58 -14.83
CA ILE A 141 9.47 -5.13 -15.04
C ILE A 141 10.37 -5.70 -13.93
N LYS A 142 11.24 -6.63 -14.30
CA LYS A 142 12.15 -7.28 -13.35
C LYS A 142 13.50 -6.58 -13.29
N HIS A 143 14.09 -6.56 -12.09
CA HIS A 143 15.41 -5.95 -11.87
C HIS A 143 16.33 -6.94 -11.13
N GLU A 144 17.63 -6.86 -11.40
CA GLU A 144 18.59 -7.86 -10.92
C GLU A 144 19.06 -7.62 -9.49
N ARG A 145 19.76 -6.50 -9.28
CA ARG A 145 20.28 -6.05 -7.96
C ARG A 145 21.51 -5.17 -8.16
N ASP A 146 21.81 -4.35 -7.15
CA ASP A 146 22.99 -3.48 -7.17
C ASP A 146 23.88 -3.75 -5.97
N ASN A 149 19.73 -1.53 -3.22
CA ASN A 149 18.99 -2.63 -3.83
C ASN A 149 19.81 -3.92 -3.84
N PRO A 150 19.99 -4.55 -2.66
CA PRO A 150 20.82 -5.75 -2.57
C PRO A 150 20.10 -7.07 -2.90
N TYR A 151 18.78 -7.02 -3.11
CA TYR A 151 18.02 -8.21 -3.51
C TYR A 151 17.34 -7.98 -4.87
N PRO A 152 17.04 -9.07 -5.60
CA PRO A 152 16.29 -8.92 -6.85
C PRO A 152 14.81 -8.62 -6.59
N PHE A 153 14.22 -7.80 -7.45
CA PHE A 153 12.82 -7.41 -7.31
C PHE A 153 12.16 -7.17 -8.67
N GLN A 154 10.84 -7.01 -8.66
CA GLN A 154 10.07 -6.74 -9.88
C GLN A 154 8.91 -5.80 -9.61
N PHE A 155 8.55 -4.99 -10.61
CA PHE A 155 7.37 -4.13 -10.53
C PHE A 155 6.22 -4.78 -11.29
N LEU A 156 5.30 -5.38 -10.54
CA LEU A 156 4.15 -6.09 -11.11
C LEU A 156 2.90 -5.22 -11.01
N GLU A 157 2.27 -4.95 -12.15
CA GLU A 157 1.03 -4.16 -12.20
C GLU A 157 -0.13 -5.04 -12.68
N LEU A 158 -1.14 -5.19 -11.83
CA LEU A 158 -2.30 -6.03 -12.14
C LEU A 158 -3.58 -5.21 -12.22
N ARG A 159 -4.45 -5.61 -13.14
CA ARG A 159 -5.78 -5.02 -13.28
C ARG A 159 -6.80 -6.15 -13.14
N ARG A 160 -7.89 -5.90 -12.40
CA ARG A 160 -8.90 -6.93 -12.19
C ARG A 160 -9.75 -7.15 -13.44
#